data_3V2X
#
_entry.id   3V2X
#
_cell.length_a   29.962
_cell.length_b   32.750
_cell.length_c   45.314
_cell.angle_alpha   78.510
_cell.angle_beta   75.170
_cell.angle_gamma   65.950
#
_symmetry.space_group_name_H-M   'P 1'
#
loop_
_entity.id
_entity.type
_entity.pdbx_description
1 polymer 'Ankyrin repeat family A protein 2'
2 polymer 'Low-density lipoprotein receptor-related protein 2'
3 water water
#
loop_
_entity_poly.entity_id
_entity_poly.type
_entity_poly.pdbx_seq_one_letter_code
_entity_poly.pdbx_strand_id
1 'polypeptide(L)'
;GANSLSVHQLAAQGEMLYLATRIEQENVINHTDEEGFTPLMWAAAHGQIAVVEFLLQNGADPQLLGKGRESALSLACSKG
YTDIVKMLLDCGVDVNEYDWNGGTPLLYAVHGNHVKCVKMLLESGADPTIETDSGYNSMDLAVALGYRSVQQVIESHLLK
LLQNIKE
;
A
2 'polypeptide(L)' LLPTLPKLPSL B
#
# COMPACT_ATOMS: atom_id res chain seq x y z
N GLY A 1 19.16 17.04 14.26
CA GLY A 1 18.77 17.57 12.92
C GLY A 1 18.60 16.47 11.90
N ALA A 2 18.55 16.86 10.62
CA ALA A 2 18.32 15.92 9.51
C ALA A 2 19.42 14.85 9.40
N ASN A 3 20.67 15.22 9.72
CA ASN A 3 21.78 14.24 9.69
C ASN A 3 21.65 13.08 10.67
N SER A 4 20.92 13.29 11.76
CA SER A 4 20.69 12.24 12.73
C SER A 4 19.46 11.38 12.37
N LEU A 5 18.77 11.74 11.29
CA LEU A 5 17.58 10.99 10.83
C LEU A 5 17.92 9.92 9.78
N SER A 6 17.20 8.79 9.84
CA SER A 6 17.35 7.76 8.81
C SER A 6 16.80 8.31 7.50
N VAL A 7 17.27 7.76 6.38
CA VAL A 7 16.69 8.06 5.07
C VAL A 7 15.16 7.81 5.11
N HIS A 8 14.75 6.83 5.92
CA HIS A 8 13.32 6.45 6.06
C HIS A 8 12.51 7.55 6.74
N GLN A 9 13.05 8.14 7.81
CA GLN A 9 12.40 9.24 8.51
C GLN A 9 12.27 10.46 7.59
N LEU A 10 13.33 10.74 6.82
CA LEU A 10 13.33 11.85 5.86
C LEU A 10 12.22 11.72 4.81
N ALA A 11 12.09 10.51 4.28
CA ALA A 11 11.00 10.18 3.33
C ALA A 11 9.63 10.41 3.95
N ALA A 12 9.44 9.91 5.17
CA ALA A 12 8.16 10.01 5.90
C ALA A 12 7.76 11.43 6.30
N GLN A 13 8.76 12.29 6.52
CA GLN A 13 8.53 13.68 6.87
C GLN A 13 8.35 14.56 5.63
N GLY A 14 8.58 13.99 4.45
CA GLY A 14 8.46 14.72 3.20
C GLY A 14 9.59 15.72 2.97
N GLU A 15 10.76 15.43 3.51
CA GLU A 15 11.92 16.29 3.32
C GLU A 15 12.63 15.98 1.99
N MET A 16 12.05 16.47 0.89
CA MET A 16 12.50 16.14 -0.45
C MET A 16 14.00 16.42 -0.65
N LEU A 17 14.44 17.64 -0.37
CA LEU A 17 15.84 18.01 -0.62
C LEU A 17 16.86 17.14 0.16
N TYR A 18 16.61 16.99 1.47
CA TYR A 18 17.47 16.20 2.34
C TYR A 18 17.56 14.74 1.90
N LEU A 19 16.41 14.17 1.53
CA LEU A 19 16.33 12.82 0.99
C LEU A 19 17.14 12.70 -0.30
N ALA A 20 16.90 13.64 -1.21
CA ALA A 20 17.57 13.69 -2.51
C ALA A 20 19.11 13.68 -2.36
N THR A 21 19.63 14.39 -1.36
CA THR A 21 21.07 14.42 -1.07
C THR A 21 21.58 13.07 -0.52
N ARG A 22 20.80 12.46 0.38
CA ARG A 22 21.22 11.21 1.04
C ARG A 22 21.33 10.00 0.09
N ILE A 23 20.43 9.95 -0.90
CA ILE A 23 20.39 8.86 -1.88
C ILE A 23 21.36 9.08 -3.05
N GLU A 24 21.98 10.27 -3.08
CA GLU A 24 22.99 10.58 -4.09
C GLU A 24 24.38 10.41 -3.47
N GLN A 25 24.47 10.62 -2.16
CA GLN A 25 25.71 10.39 -1.40
C GLN A 25 26.03 8.91 -1.19
N GLU A 26 25.10 8.04 -1.58
CA GLU A 26 25.23 6.59 -1.41
C GLU A 26 24.03 5.86 -2.00
N ASN A 27 24.17 4.54 -2.18
CA ASN A 27 23.07 3.72 -2.65
C ASN A 27 22.21 3.24 -1.46
N VAL A 28 21.42 4.15 -0.88
CA VAL A 28 20.46 3.78 0.18
C VAL A 28 18.99 3.88 -0.25
N ILE A 29 18.73 4.15 -1.54
CA ILE A 29 17.36 4.31 -2.02
C ILE A 29 16.47 3.11 -1.71
N ASN A 30 17.06 1.90 -1.73
CA ASN A 30 16.34 0.67 -1.43
C ASN A 30 16.73 0.04 -0.10
N HIS A 31 17.46 0.79 0.72
CA HIS A 31 17.91 0.30 2.02
C HIS A 31 16.75 -0.02 2.94
N THR A 32 16.69 -1.27 3.37
CA THR A 32 15.66 -1.72 4.29
C THR A 32 16.13 -1.52 5.74
N ASP A 33 15.22 -1.04 6.59
CA ASP A 33 15.50 -0.91 8.02
C ASP A 33 15.26 -2.24 8.74
N GLU A 34 15.23 -2.21 10.08
CA GLU A 34 15.11 -3.44 10.90
C GLU A 34 13.84 -4.26 10.63
N GLU A 35 12.77 -3.59 10.20
CA GLU A 35 11.51 -4.27 9.90
C GLU A 35 11.43 -4.61 8.42
N GLY A 36 12.49 -4.27 7.71
CA GLY A 36 12.58 -4.52 6.28
C GLY A 36 11.91 -3.45 5.43
N PHE A 37 11.55 -2.33 6.07
CA PHE A 37 10.86 -1.23 5.36
C PHE A 37 11.86 -0.38 4.58
N THR A 38 11.48 -0.02 3.37
CA THR A 38 12.30 0.80 2.49
C THR A 38 11.84 2.23 2.68
N PRO A 39 12.64 3.22 2.22
CA PRO A 39 12.14 4.60 2.30
C PRO A 39 10.79 4.77 1.59
N LEU A 40 10.62 4.11 0.44
CA LEU A 40 9.33 4.20 -0.30
C LEU A 40 8.13 3.77 0.55
N MET A 41 8.30 2.67 1.30
CA MET A 41 7.28 2.21 2.25
C MET A 41 6.93 3.24 3.31
N TRP A 42 7.95 3.91 3.85
CA TRP A 42 7.72 4.97 4.87
C TRP A 42 6.96 6.15 4.26
N ALA A 43 7.35 6.55 3.06
CA ALA A 43 6.69 7.66 2.33
C ALA A 43 5.24 7.30 1.99
N ALA A 44 5.01 6.09 1.52
CA ALA A 44 3.65 5.59 1.24
C ALA A 44 2.77 5.57 2.48
N ALA A 45 3.30 5.05 3.58
CA ALA A 45 2.54 4.89 4.81
C ALA A 45 2.16 6.25 5.43
N HIS A 46 2.93 7.29 5.09
CA HIS A 46 2.65 8.64 5.62
C HIS A 46 2.13 9.64 4.58
N GLY A 47 1.70 9.12 3.45
CA GLY A 47 1.00 9.92 2.45
C GLY A 47 1.84 10.97 1.75
N GLN A 48 3.14 10.76 1.71
CA GLN A 48 4.05 11.73 1.11
C GLN A 48 4.09 11.54 -0.41
N ILE A 49 3.07 12.06 -1.07
CA ILE A 49 2.89 11.90 -2.53
C ILE A 49 4.12 12.38 -3.34
N ALA A 50 4.63 13.58 -3.07
CA ALA A 50 5.76 14.12 -3.83
C ALA A 50 7.05 13.26 -3.65
N VAL A 51 7.29 12.81 -2.43
CA VAL A 51 8.42 11.93 -2.11
C VAL A 51 8.25 10.57 -2.82
N VAL A 52 7.03 10.00 -2.77
CA VAL A 52 6.77 8.72 -3.47
C VAL A 52 7.15 8.83 -4.96
N GLU A 53 6.66 9.89 -5.61
CA GLU A 53 6.98 10.16 -7.02
C GLU A 53 8.48 10.31 -7.31
N PHE A 54 9.17 11.07 -6.48
CA PHE A 54 10.63 11.24 -6.57
C PHE A 54 11.39 9.92 -6.45
N LEU A 55 11.06 9.16 -5.41
CA LEU A 55 11.65 7.85 -5.16
C LEU A 55 11.44 6.89 -6.34
N LEU A 56 10.18 6.76 -6.79
CA LEU A 56 9.87 5.88 -7.92
C LEU A 56 10.64 6.26 -9.16
N GLN A 57 10.64 7.55 -9.50
CA GLN A 57 11.38 8.06 -10.65
C GLN A 57 12.88 7.78 -10.59
N ASN A 58 13.42 7.78 -9.39
CA ASN A 58 14.85 7.56 -9.18
C ASN A 58 15.27 6.12 -8.91
N GLY A 59 14.37 5.16 -9.15
CA GLY A 59 14.72 3.74 -9.06
C GLY A 59 14.34 2.98 -7.80
N ALA A 60 13.51 3.59 -6.94
CA ALA A 60 13.08 2.87 -5.74
C ALA A 60 12.24 1.66 -6.18
N ASP A 61 12.57 0.51 -5.62
CA ASP A 61 11.91 -0.73 -5.97
C ASP A 61 10.51 -0.70 -5.35
N PRO A 62 9.45 -0.63 -6.20
CA PRO A 62 8.10 -0.55 -5.64
C PRO A 62 7.54 -1.90 -5.21
N GLN A 63 8.23 -2.99 -5.55
CA GLN A 63 7.68 -4.34 -5.38
C GLN A 63 8.24 -5.05 -4.16
N LEU A 64 9.35 -4.54 -3.66
CA LEU A 64 10.00 -5.06 -2.47
C LEU A 64 9.00 -5.29 -1.34
N LEU A 65 9.11 -6.43 -0.67
CA LEU A 65 8.26 -6.72 0.47
C LEU A 65 9.02 -6.65 1.79
N GLY A 66 8.36 -6.13 2.80
CA GLY A 66 8.94 -6.03 4.14
C GLY A 66 9.02 -7.39 4.81
N LYS A 67 9.53 -7.42 6.04
CA LYS A 67 9.69 -8.72 6.72
C LYS A 67 8.36 -9.37 7.07
N GLY A 68 7.28 -8.57 7.10
CA GLY A 68 5.92 -9.10 7.27
C GLY A 68 5.20 -9.26 5.94
N ARG A 69 5.98 -9.17 4.85
CA ARG A 69 5.47 -9.20 3.48
CA ARG A 69 5.47 -9.19 3.46
C ARG A 69 4.58 -7.97 3.15
N GLU A 70 4.85 -6.86 3.85
CA GLU A 70 4.21 -5.56 3.57
C GLU A 70 4.74 -5.05 2.24
N SER A 71 3.89 -4.36 1.49
CA SER A 71 4.36 -3.60 0.35
C SER A 71 4.02 -2.11 0.55
N ALA A 72 4.68 -1.25 -0.21
CA ALA A 72 4.26 0.16 -0.28
C ALA A 72 2.77 0.27 -0.67
N LEU A 73 2.32 -0.60 -1.58
CA LEU A 73 0.90 -0.65 -1.97
C LEU A 73 -0.08 -0.94 -0.82
N SER A 74 0.14 -2.04 -0.09
CA SER A 74 -0.73 -2.40 1.00
C SER A 74 -0.76 -1.28 2.08
N LEU A 75 0.40 -0.66 2.34
CA LEU A 75 0.45 0.46 3.30
C LEU A 75 -0.40 1.66 2.84
N ALA A 76 -0.29 1.99 1.57
CA ALA A 76 -1.02 3.13 1.01
C ALA A 76 -2.52 2.81 0.87
N CYS A 77 -2.85 1.57 0.51
CA CYS A 77 -4.25 1.12 0.47
C CYS A 77 -4.91 1.16 1.85
N SER A 78 -4.20 0.76 2.90
CA SER A 78 -4.82 0.76 4.23
C SER A 78 -5.21 2.17 4.69
N LYS A 79 -4.43 3.16 4.28
CA LYS A 79 -4.64 4.56 4.63
C LYS A 79 -5.50 5.31 3.61
N GLY A 80 -5.83 4.67 2.49
CA GLY A 80 -6.65 5.33 1.46
C GLY A 80 -5.95 6.45 0.73
N TYR A 81 -4.63 6.33 0.56
CA TYR A 81 -3.87 7.35 -0.16
C TYR A 81 -3.97 7.06 -1.66
N THR A 82 -5.08 7.51 -2.24
CA THR A 82 -5.51 7.12 -3.60
C THR A 82 -4.48 7.48 -4.68
N ASP A 83 -3.88 8.67 -4.57
CA ASP A 83 -2.86 9.12 -5.53
C ASP A 83 -1.61 8.22 -5.49
N ILE A 84 -1.20 7.83 -4.28
CA ILE A 84 -0.03 6.96 -4.09
C ILE A 84 -0.32 5.55 -4.60
N VAL A 85 -1.53 5.08 -4.30
CA VAL A 85 -1.98 3.76 -4.81
C VAL A 85 -1.92 3.74 -6.33
N LYS A 86 -2.43 4.81 -6.97
CA LYS A 86 -2.44 4.88 -8.42
C LYS A 86 -1.03 4.84 -9.01
N MET A 87 -0.13 5.64 -8.43
CA MET A 87 1.27 5.67 -8.82
C MET A 87 1.97 4.30 -8.74
N LEU A 88 1.66 3.56 -7.68
CA LEU A 88 2.23 2.23 -7.49
C LEU A 88 1.65 1.24 -8.50
N LEU A 89 0.34 1.31 -8.72
CA LEU A 89 -0.31 0.48 -9.73
C LEU A 89 0.23 0.73 -11.13
N ASP A 90 0.60 1.98 -11.41
CA ASP A 90 1.16 2.36 -12.72
C ASP A 90 2.55 1.80 -12.93
N CYS A 91 3.17 1.34 -11.86
CA CYS A 91 4.47 0.64 -11.88
C CYS A 91 4.33 -0.82 -12.19
N GLY A 92 3.09 -1.33 -12.22
CA GLY A 92 2.86 -2.74 -12.51
C GLY A 92 3.06 -3.68 -11.34
N VAL A 93 2.99 -3.14 -10.12
CA VAL A 93 3.13 -3.96 -8.92
C VAL A 93 2.05 -5.05 -8.84
N ASP A 94 2.40 -6.19 -8.24
CA ASP A 94 1.45 -7.27 -7.90
C ASP A 94 0.39 -6.70 -6.94
N VAL A 95 -0.86 -7.08 -7.16
CA VAL A 95 -1.96 -6.63 -6.29
C VAL A 95 -2.49 -7.73 -5.37
N ASN A 96 -2.04 -8.98 -5.59
CA ASN A 96 -2.60 -10.08 -4.81
C ASN A 96 -1.66 -10.72 -3.77
N GLU A 97 -0.53 -10.07 -3.50
CA GLU A 97 0.42 -10.55 -2.51
C GLU A 97 -0.23 -10.72 -1.14
N TYR A 98 -0.20 -11.94 -0.63
CA TYR A 98 -0.77 -12.24 0.68
C TYR A 98 0.32 -12.09 1.73
N ASP A 99 0.11 -11.22 2.71
CA ASP A 99 1.14 -10.96 3.73
C ASP A 99 0.96 -11.80 5.00
N TRP A 100 1.88 -11.66 5.95
CA TRP A 100 1.89 -12.47 7.17
C TRP A 100 0.81 -12.03 8.19
N ASN A 101 0.13 -10.93 7.87
CA ASN A 101 -1.01 -10.40 8.63
C ASN A 101 -2.36 -10.96 8.11
N GLY A 102 -2.29 -11.85 7.13
CA GLY A 102 -3.49 -12.37 6.47
C GLY A 102 -4.21 -11.34 5.60
N GLY A 103 -3.47 -10.37 5.05
CA GLY A 103 -4.08 -9.32 4.23
C GLY A 103 -3.56 -9.24 2.81
N THR A 104 -4.29 -8.49 1.98
CA THR A 104 -3.89 -8.16 0.60
C THR A 104 -4.26 -6.67 0.45
N PRO A 105 -3.67 -5.97 -0.54
CA PRO A 105 -4.04 -4.56 -0.76
C PRO A 105 -5.56 -4.32 -0.77
N LEU A 106 -6.31 -5.21 -1.42
CA LEU A 106 -7.80 -5.07 -1.49
C LEU A 106 -8.47 -5.22 -0.14
N LEU A 107 -8.03 -6.20 0.64
CA LEU A 107 -8.55 -6.36 1.99
C LEU A 107 -8.31 -5.13 2.84
N TYR A 108 -7.12 -4.54 2.74
CA TYR A 108 -6.85 -3.30 3.46
C TYR A 108 -7.70 -2.11 3.00
N ALA A 109 -7.91 -1.97 1.71
CA ALA A 109 -8.71 -0.86 1.16
C ALA A 109 -10.15 -0.99 1.62
N VAL A 110 -10.68 -2.22 1.58
CA VAL A 110 -12.05 -2.49 2.05
C VAL A 110 -12.16 -2.20 3.54
N HIS A 111 -11.23 -2.77 4.33
CA HIS A 111 -11.24 -2.56 5.80
C HIS A 111 -11.26 -1.07 6.18
N GLY A 112 -10.56 -0.24 5.39
CA GLY A 112 -10.50 1.21 5.60
C GLY A 112 -11.62 2.03 4.96
N ASN A 113 -12.60 1.35 4.35
CA ASN A 113 -13.68 2.03 3.60
C ASN A 113 -13.13 3.04 2.58
N HIS A 114 -12.19 2.59 1.74
CA HIS A 114 -11.54 3.46 0.79
C HIS A 114 -12.01 3.08 -0.61
N VAL A 115 -13.18 3.60 -1.00
CA VAL A 115 -13.86 3.11 -2.20
C VAL A 115 -13.06 3.30 -3.49
N LYS A 116 -12.42 4.45 -3.66
CA LYS A 116 -11.60 4.67 -4.86
C LYS A 116 -10.43 3.71 -4.97
N CYS A 117 -9.75 3.46 -3.85
CA CYS A 117 -8.73 2.41 -3.79
C CYS A 117 -9.28 1.05 -4.20
N VAL A 118 -10.46 0.71 -3.69
CA VAL A 118 -11.13 -0.56 -4.01
C VAL A 118 -11.35 -0.66 -5.53
N LYS A 119 -11.92 0.38 -6.14
CA LYS A 119 -12.17 0.40 -7.59
C LYS A 119 -10.90 0.17 -8.38
N MET A 120 -9.84 0.88 -8.03
CA MET A 120 -8.57 0.79 -8.72
C MET A 120 -7.98 -0.61 -8.64
N LEU A 121 -7.96 -1.16 -7.44
CA LEU A 121 -7.44 -2.52 -7.22
C LEU A 121 -8.21 -3.58 -8.02
N LEU A 122 -9.53 -3.52 -7.98
CA LEU A 122 -10.40 -4.43 -8.77
C LEU A 122 -10.08 -4.34 -10.27
N GLU A 123 -9.93 -3.11 -10.79
CA GLU A 123 -9.58 -2.95 -12.20
C GLU A 123 -8.20 -3.56 -12.55
N SER A 124 -7.28 -3.55 -11.58
CA SER A 124 -5.95 -4.16 -11.76
C SER A 124 -5.92 -5.66 -11.41
N GLY A 125 -7.09 -6.23 -11.18
CA GLY A 125 -7.21 -7.68 -11.01
C GLY A 125 -7.10 -8.20 -9.59
N ALA A 126 -7.22 -7.32 -8.60
CA ALA A 126 -7.30 -7.78 -7.23
C ALA A 126 -8.46 -8.76 -7.03
N ASP A 127 -8.15 -9.84 -6.32
CA ASP A 127 -9.10 -10.95 -6.12
C ASP A 127 -10.00 -10.69 -4.87
N PRO A 128 -11.31 -10.43 -5.07
CA PRO A 128 -12.18 -10.14 -3.91
C PRO A 128 -12.53 -11.39 -3.07
N THR A 129 -12.02 -12.55 -3.47
CA THR A 129 -12.38 -13.82 -2.78
C THR A 129 -11.29 -14.30 -1.82
N ILE A 130 -10.17 -13.60 -1.79
CA ILE A 130 -9.08 -13.95 -0.89
C ILE A 130 -9.50 -13.58 0.56
N GLU A 131 -9.26 -14.49 1.49
CA GLU A 131 -9.77 -14.32 2.87
C GLU A 131 -8.72 -13.96 3.90
N THR A 132 -9.16 -13.28 4.95
CA THR A 132 -8.40 -13.05 6.16
C THR A 132 -8.22 -14.36 6.96
N ASP A 133 -7.35 -14.31 7.98
CA ASP A 133 -7.16 -15.41 8.95
C ASP A 133 -8.52 -15.95 9.44
N SER A 134 -9.46 -15.03 9.68
CA SER A 134 -10.78 -15.39 10.22
C SER A 134 -11.83 -15.80 9.16
N GLY A 135 -11.39 -15.87 7.90
CA GLY A 135 -12.26 -16.36 6.84
C GLY A 135 -13.17 -15.35 6.16
N TYR A 136 -12.85 -14.07 6.30
CA TYR A 136 -13.60 -13.02 5.65
C TYR A 136 -12.87 -12.60 4.36
N ASN A 137 -13.58 -12.72 3.23
CA ASN A 137 -13.13 -12.13 1.97
C ASN A 137 -13.54 -10.66 1.90
N SER A 138 -13.23 -10.01 0.78
CA SER A 138 -13.47 -8.57 0.64
C SER A 138 -14.96 -8.22 0.71
N MET A 139 -15.80 -9.01 0.05
CA MET A 139 -17.23 -8.84 0.19
C MET A 139 -17.69 -9.04 1.66
N ASP A 140 -17.21 -10.10 2.33
CA ASP A 140 -17.60 -10.40 3.73
C ASP A 140 -17.25 -9.22 4.66
N LEU A 141 -16.07 -8.66 4.46
CA LEU A 141 -15.64 -7.50 5.25
C LEU A 141 -16.57 -6.31 5.03
N ALA A 142 -16.84 -6.00 3.76
CA ALA A 142 -17.70 -4.85 3.42
C ALA A 142 -19.07 -4.97 4.06
N VAL A 143 -19.67 -6.17 4.01
CA VAL A 143 -21.00 -6.42 4.55
C VAL A 143 -20.96 -6.25 6.08
N ALA A 144 -20.02 -6.91 6.74
CA ALA A 144 -19.94 -6.89 8.20
C ALA A 144 -19.70 -5.49 8.75
N LEU A 145 -18.77 -4.77 8.15
CA LEU A 145 -18.37 -3.43 8.61
C LEU A 145 -19.41 -2.35 8.29
N GLY A 146 -20.33 -2.67 7.38
CA GLY A 146 -21.40 -1.76 6.98
C GLY A 146 -20.95 -0.72 5.98
N TYR A 147 -19.92 -1.07 5.18
CA TYR A 147 -19.39 -0.16 4.17
C TYR A 147 -20.15 -0.42 2.86
N ARG A 148 -21.37 0.10 2.81
CA ARG A 148 -22.31 -0.22 1.73
C ARG A 148 -21.85 0.30 0.36
N SER A 149 -21.11 1.41 0.37
CA SER A 149 -20.58 1.99 -0.89
C SER A 149 -19.50 1.07 -1.48
N VAL A 150 -18.64 0.55 -0.62
CA VAL A 150 -17.63 -0.45 -1.02
C VAL A 150 -18.31 -1.73 -1.47
N GLN A 151 -19.31 -2.16 -0.70
CA GLN A 151 -20.07 -3.37 -1.05
C GLN A 151 -20.66 -3.29 -2.45
N GLN A 152 -21.23 -2.12 -2.77
CA GLN A 152 -21.83 -1.85 -4.08
C GLN A 152 -20.79 -2.01 -5.23
N VAL A 153 -19.61 -1.44 -5.03
CA VAL A 153 -18.53 -1.54 -6.00
C VAL A 153 -18.06 -2.98 -6.18
N ILE A 154 -17.95 -3.71 -5.07
CA ILE A 154 -17.51 -5.11 -5.18
C ILE A 154 -18.60 -5.90 -5.91
N GLU A 155 -19.86 -5.66 -5.55
CA GLU A 155 -20.98 -6.36 -6.19
C GLU A 155 -20.99 -6.20 -7.72
N SER A 156 -20.83 -4.96 -8.22
CA SER A 156 -20.75 -4.68 -9.65
C SER A 156 -19.63 -5.46 -10.33
N HIS A 157 -18.47 -5.53 -9.66
CA HIS A 157 -17.35 -6.33 -10.14
C HIS A 157 -17.62 -7.85 -10.13
N LEU A 158 -18.25 -8.34 -9.06
CA LEU A 158 -18.64 -9.75 -8.98
C LEU A 158 -19.57 -10.17 -10.13
N LEU A 159 -20.50 -9.29 -10.50
CA LEU A 159 -21.39 -9.51 -11.65
C LEU A 159 -20.59 -9.73 -12.93
N LYS A 160 -19.55 -8.91 -13.11
CA LYS A 160 -18.66 -9.00 -14.28
C LYS A 160 -17.86 -10.30 -14.30
N LEU A 161 -17.29 -10.66 -13.15
CA LEU A 161 -16.59 -11.93 -12.99
C LEU A 161 -17.52 -13.10 -13.30
N LEU A 162 -18.76 -13.02 -12.81
CA LEU A 162 -19.80 -14.03 -13.06
C LEU A 162 -20.14 -14.12 -14.56
N GLN A 163 -20.30 -12.96 -15.21
CA GLN A 163 -20.56 -12.90 -16.66
C GLN A 163 -19.46 -13.57 -17.47
N ASN A 164 -18.20 -13.40 -17.03
CA ASN A 164 -17.05 -14.00 -17.68
C ASN A 164 -17.00 -15.52 -17.53
N ILE A 165 -17.48 -16.01 -16.38
CA ILE A 165 -17.51 -17.44 -16.08
C ILE A 165 -18.60 -18.18 -16.85
N LYS A 166 -19.61 -17.43 -17.31
CA LYS A 166 -20.74 -17.96 -18.09
C LYS A 166 -20.53 -17.73 -19.58
N LEU B 1 5.65 13.17 17.98
CA LEU B 1 5.23 13.91 16.75
C LEU B 1 6.03 13.58 15.48
N LEU B 2 7.07 12.75 15.61
CA LEU B 2 7.80 12.21 14.44
C LEU B 2 6.98 11.09 13.83
N PRO B 3 7.13 10.86 12.52
CA PRO B 3 6.36 9.79 11.88
C PRO B 3 6.59 8.46 12.57
N THR B 4 5.50 7.74 12.80
CA THR B 4 5.53 6.43 13.43
C THR B 4 5.95 5.36 12.40
N LEU B 5 6.49 4.26 12.91
CA LEU B 5 6.82 3.08 12.10
C LEU B 5 5.61 2.64 11.26
N PRO B 6 5.83 2.36 9.95
CA PRO B 6 4.70 1.88 9.17
C PRO B 6 4.15 0.60 9.80
N LYS B 7 2.83 0.49 9.84
CA LYS B 7 2.19 -0.68 10.41
C LYS B 7 0.90 -0.95 9.63
N LEU B 8 0.74 -2.16 9.15
CA LEU B 8 -0.55 -2.56 8.60
C LEU B 8 -1.50 -2.90 9.75
N PRO B 9 -2.78 -2.50 9.63
CA PRO B 9 -3.78 -2.77 10.66
C PRO B 9 -4.21 -4.21 10.64
N SER B 10 -4.70 -4.71 11.77
CA SER B 10 -5.30 -6.04 11.82
C SER B 10 -6.58 -6.05 11.02
N LEU B 11 -6.90 -7.22 10.46
CA LEU B 11 -8.08 -7.37 9.62
C LEU B 11 -9.17 -8.18 10.29
#